data_2BWA
#
_entry.id   2BWA
#
_cell.length_a   55.740
_cell.length_b   67.310
_cell.length_c   130.420
_cell.angle_alpha   90.00
_cell.angle_beta   90.00
_cell.angle_gamma   90.00
#
_symmetry.space_group_name_H-M   'P 21 21 21'
#
loop_
_entity.id
_entity.type
_entity.pdbx_description
1 polymer ENDOGLUCANASE
2 branched beta-D-glucopyranose-(1-4)-beta-D-glucopyranose-(1-4)-alpha-D-glucopyranose
3 branched beta-D-glucopyranose-(1-4)-alpha-D-glucopyranose
4 non-polymer GLYCEROL
5 non-polymer 'SULFATE ION'
6 water water
#
_entity_poly.entity_id   1
_entity_poly.type   'polypeptide(L)'
_entity_poly.pdbx_seq_one_letter_code
;MTVELCGRWDARDVAGGRYRVINNVWGAETAQCIEVGLETGNFTITRADHDNGNNVAAYPAIYFGCHWGACTSNSGLPRR
VQELSDVRTSWTLTPITTGRWNAAYDIWFSPVTNSGNGYSGGAELMIWLNWNGGVMPGGSRVATVELAGATWEVWYADWD
WNYIAYRRTTPTTSVSELDLKAFIDDAVARGYIRPEWYLHAVETGFELWEGGAGLRSADFSVTVQKL
;
_entity_poly.pdbx_strand_id   A,B
#
# COMPACT_ATOMS: atom_id res chain seq x y z
N THR A 2 -3.64 -12.34 10.23
CA THR A 2 -2.80 -12.39 9.01
C THR A 2 -1.47 -11.67 9.21
N VAL A 3 -0.56 -11.88 8.28
CA VAL A 3 0.75 -11.24 8.32
C VAL A 3 1.02 -10.58 6.99
N GLU A 4 1.61 -9.40 7.01
CA GLU A 4 1.91 -8.70 5.78
C GLU A 4 3.35 -8.93 5.33
N LEU A 5 3.51 -9.28 4.06
CA LEU A 5 4.83 -9.50 3.50
C LEU A 5 5.09 -8.49 2.39
N CYS A 6 6.14 -7.67 2.54
CA CYS A 6 6.48 -6.69 1.51
C CYS A 6 7.86 -6.83 0.90
N GLY A 7 8.72 -7.59 1.57
CA GLY A 7 10.07 -7.78 1.04
C GLY A 7 10.04 -8.56 -0.25
N ARG A 8 10.91 -8.17 -1.17
CA ARG A 8 11.05 -8.78 -2.48
C ARG A 8 11.05 -10.32 -2.49
N TRP A 9 11.76 -10.92 -1.54
CA TRP A 9 11.86 -12.38 -1.47
C TRP A 9 11.25 -12.96 -0.21
N ASP A 10 10.32 -12.25 0.41
N ASP A 10 10.29 -12.25 0.36
CA ASP A 10 9.68 -12.67 1.66
CA ASP A 10 9.65 -12.70 1.57
C ASP A 10 8.82 -13.92 1.40
C ASP A 10 8.92 -14.02 1.35
N ALA A 11 8.71 -14.73 2.44
CA ALA A 11 7.98 -15.98 2.38
C ALA A 11 7.48 -16.38 3.74
N ARG A 12 6.51 -17.28 3.74
N ARG A 12 6.50 -17.27 3.75
CA ARG A 12 5.96 -17.80 4.97
CA ARG A 12 5.96 -17.80 4.99
C ARG A 12 5.43 -19.20 4.72
C ARG A 12 5.45 -19.20 4.71
N ASP A 13 5.78 -20.12 5.60
CA ASP A 13 5.29 -21.47 5.51
C ASP A 13 3.84 -21.34 5.99
N VAL A 14 2.92 -22.10 5.42
CA VAL A 14 1.52 -21.98 5.82
C VAL A 14 0.89 -23.37 5.86
N ALA A 15 -0.33 -23.44 6.35
CA ALA A 15 -1.02 -24.74 6.42
C ALA A 15 -0.17 -25.84 7.06
N GLY A 16 0.41 -25.54 8.21
CA GLY A 16 1.21 -26.51 8.93
C GLY A 16 2.47 -26.94 8.21
N GLY A 17 2.91 -26.12 7.25
CA GLY A 17 4.11 -26.42 6.49
C GLY A 17 3.82 -27.11 5.15
N ARG A 18 2.56 -27.46 4.90
CA ARG A 18 2.25 -28.14 3.65
C ARG A 18 2.47 -27.25 2.43
N TYR A 19 2.25 -25.94 2.57
CA TYR A 19 2.46 -25.03 1.44
C TYR A 19 3.34 -23.87 1.89
N ARG A 20 3.76 -23.08 0.93
CA ARG A 20 4.57 -21.90 1.26
C ARG A 20 4.15 -20.75 0.36
N VAL A 21 3.99 -19.55 0.95
CA VAL A 21 3.60 -18.38 0.20
C VAL A 21 4.83 -17.51 0.00
N ILE A 22 5.00 -17.01 -1.22
CA ILE A 22 6.17 -16.16 -1.56
C ILE A 22 5.73 -14.85 -2.22
N ASN A 23 6.31 -13.73 -1.78
CA ASN A 23 5.96 -12.43 -2.38
C ASN A 23 6.55 -12.44 -3.81
N ASN A 24 7.79 -12.91 -3.93
CA ASN A 24 8.39 -13.16 -5.23
C ASN A 24 8.37 -12.06 -6.28
N VAL A 25 8.91 -10.89 -5.91
CA VAL A 25 8.97 -9.76 -6.85
C VAL A 25 10.30 -9.99 -7.57
N TRP A 26 10.29 -10.98 -8.45
CA TRP A 26 11.50 -11.39 -9.17
C TRP A 26 11.98 -10.57 -10.36
N GLY A 27 11.08 -9.87 -11.04
CA GLY A 27 11.51 -9.11 -12.20
C GLY A 27 11.40 -7.60 -12.15
N ALA A 28 11.32 -7.02 -10.97
CA ALA A 28 11.21 -5.57 -10.82
C ALA A 28 11.56 -5.10 -9.42
N GLU A 29 11.71 -3.78 -9.29
CA GLU A 29 12.04 -3.16 -8.01
C GLU A 29 10.84 -2.44 -7.44
N THR A 30 9.77 -2.38 -8.21
CA THR A 30 8.54 -1.73 -7.77
C THR A 30 7.97 -2.45 -6.54
N ALA A 31 7.37 -1.68 -5.64
CA ALA A 31 6.81 -2.19 -4.38
C ALA A 31 5.64 -3.16 -4.54
N GLN A 32 5.50 -4.04 -3.55
CA GLN A 32 4.43 -5.02 -3.53
C GLN A 32 4.33 -5.69 -2.18
N CYS A 33 3.11 -5.74 -1.64
CA CYS A 33 2.88 -6.42 -0.39
C CYS A 33 1.66 -7.36 -0.54
N ILE A 34 1.67 -8.42 0.24
CA ILE A 34 0.55 -9.36 0.29
C ILE A 34 0.25 -9.63 1.75
N GLU A 35 -1.03 -9.78 2.07
CA GLU A 35 -1.48 -10.04 3.43
C GLU A 35 -1.87 -11.51 3.40
N VAL A 36 -1.20 -12.29 4.23
CA VAL A 36 -1.35 -13.76 4.26
C VAL A 36 -1.96 -14.38 5.51
N GLY A 37 -2.92 -15.31 5.30
CA GLY A 37 -3.56 -16.04 6.37
C GLY A 37 -2.61 -17.22 6.54
N LEU A 38 -2.02 -17.37 7.71
CA LEU A 38 -1.03 -18.44 7.93
C LEU A 38 -1.56 -19.85 7.97
N GLU A 39 -2.83 -20.02 8.32
N GLU A 39 -2.84 -19.99 8.32
CA GLU A 39 -3.33 -21.36 8.35
CA GLU A 39 -3.46 -21.31 8.41
C GLU A 39 -3.71 -21.81 6.94
C GLU A 39 -3.90 -21.85 7.05
N THR A 40 -4.46 -20.98 6.23
CA THR A 40 -4.91 -21.36 4.89
C THR A 40 -3.92 -21.10 3.78
N GLY A 41 -3.11 -20.06 3.97
CA GLY A 41 -2.19 -19.63 2.94
C GLY A 41 -2.90 -18.63 2.03
N ASN A 42 -4.18 -18.33 2.30
CA ASN A 42 -4.93 -17.39 1.46
C ASN A 42 -4.19 -16.05 1.56
N PHE A 43 -4.14 -15.31 0.45
CA PHE A 43 -3.47 -14.01 0.47
C PHE A 43 -4.10 -13.03 -0.49
N THR A 44 -4.09 -11.75 -0.09
CA THR A 44 -4.59 -10.70 -0.96
C THR A 44 -3.41 -9.79 -1.27
N ILE A 45 -3.32 -9.32 -2.51
CA ILE A 45 -2.25 -8.41 -2.90
C ILE A 45 -2.79 -7.06 -2.41
N THR A 46 -2.15 -6.50 -1.39
CA THR A 46 -2.61 -5.23 -0.82
C THR A 46 -1.95 -4.04 -1.48
N ARG A 47 -0.84 -4.29 -2.15
CA ARG A 47 -0.13 -3.22 -2.83
C ARG A 47 0.73 -3.74 -3.96
N ALA A 48 0.68 -3.06 -5.10
CA ALA A 48 1.47 -3.41 -6.26
C ALA A 48 1.71 -2.19 -7.15
N ASP A 49 2.88 -1.57 -6.99
CA ASP A 49 3.22 -0.39 -7.78
C ASP A 49 3.79 -0.75 -9.16
N HIS A 50 3.81 -2.02 -9.53
CA HIS A 50 4.37 -2.43 -10.82
C HIS A 50 3.81 -1.74 -12.05
N ASP A 51 4.68 -1.58 -13.04
CA ASP A 51 4.39 -0.98 -14.35
C ASP A 51 5.58 -1.38 -15.24
N ASN A 52 5.79 -2.69 -15.33
CA ASN A 52 6.91 -3.29 -16.05
C ASN A 52 6.88 -3.48 -17.57
N GLY A 53 5.97 -2.83 -18.28
CA GLY A 53 5.95 -3.03 -19.72
C GLY A 53 5.63 -4.46 -20.13
N ASN A 54 6.38 -5.01 -21.09
CA ASN A 54 6.14 -6.37 -21.57
C ASN A 54 6.78 -7.49 -20.75
N ASN A 55 7.44 -7.14 -19.66
CA ASN A 55 8.10 -8.16 -18.82
C ASN A 55 7.47 -8.27 -17.45
N VAL A 56 7.27 -9.50 -16.99
CA VAL A 56 6.66 -9.74 -15.69
C VAL A 56 7.47 -9.11 -14.57
N ALA A 57 6.77 -8.39 -13.69
CA ALA A 57 7.40 -7.76 -12.55
C ALA A 57 7.49 -8.70 -11.35
N ALA A 58 6.47 -9.56 -11.21
CA ALA A 58 6.46 -10.45 -10.06
C ALA A 58 5.47 -11.58 -10.22
N TYR A 59 5.55 -12.54 -9.30
CA TYR A 59 4.62 -13.65 -9.30
C TYR A 59 4.33 -14.07 -7.85
N PRO A 60 3.54 -13.26 -7.11
CA PRO A 60 3.22 -13.64 -5.74
C PRO A 60 2.49 -14.97 -5.89
N ALA A 61 2.85 -15.94 -5.07
CA ALA A 61 2.27 -17.26 -5.22
C ALA A 61 2.27 -18.11 -3.99
N ILE A 62 1.57 -19.22 -4.10
CA ILE A 62 1.55 -20.22 -3.04
C ILE A 62 2.01 -21.50 -3.76
N TYR A 63 2.83 -22.31 -3.10
CA TYR A 63 3.25 -23.54 -3.77
C TYR A 63 3.37 -24.75 -2.86
N PHE A 64 3.45 -25.91 -3.52
CA PHE A 64 3.58 -27.23 -2.92
C PHE A 64 4.80 -27.83 -3.62
N GLY A 65 5.73 -28.32 -2.82
CA GLY A 65 6.94 -28.89 -3.40
C GLY A 65 8.19 -28.03 -3.20
N CYS A 66 9.08 -28.09 -4.19
CA CYS A 66 10.37 -27.44 -4.14
C CYS A 66 10.56 -26.35 -5.21
N HIS A 67 10.64 -25.10 -4.73
CA HIS A 67 10.81 -23.91 -5.56
C HIS A 67 12.25 -23.45 -5.37
N TRP A 68 13.08 -23.63 -6.40
CA TRP A 68 14.48 -23.23 -6.32
C TRP A 68 15.18 -23.74 -5.05
N GLY A 69 14.97 -25.02 -4.75
CA GLY A 69 15.60 -25.63 -3.59
C GLY A 69 14.89 -25.48 -2.25
N ALA A 70 13.92 -24.57 -2.16
CA ALA A 70 13.20 -24.38 -0.90
C ALA A 70 11.94 -25.24 -0.98
N CYS A 71 11.92 -26.30 -0.21
CA CYS A 71 10.79 -27.21 -0.25
C CYS A 71 9.85 -27.10 0.93
N THR A 72 8.59 -27.44 0.65
CA THR A 72 7.55 -27.49 1.68
C THR A 72 7.72 -28.79 2.47
N SER A 73 6.88 -28.98 3.48
N SER A 73 6.86 -28.98 3.47
CA SER A 73 7.00 -30.16 4.33
CA SER A 73 6.96 -30.15 4.33
C SER A 73 6.28 -31.41 3.83
C SER A 73 6.27 -31.40 3.84
N ASN A 74 7.06 -32.48 3.71
N ASN A 74 7.04 -32.48 3.72
CA ASN A 74 6.57 -33.79 3.27
CA ASN A 74 6.53 -33.78 3.30
C ASN A 74 5.67 -33.74 2.04
C ASN A 74 5.65 -33.72 2.05
N SER A 75 6.16 -33.09 1.00
CA SER A 75 5.39 -32.97 -0.23
C SER A 75 5.45 -34.22 -1.07
N GLY A 76 6.48 -35.02 -0.85
CA GLY A 76 6.64 -36.21 -1.68
C GLY A 76 7.25 -35.86 -3.02
N LEU A 77 7.67 -34.62 -3.21
CA LEU A 77 8.29 -34.17 -4.45
C LEU A 77 9.76 -33.83 -4.15
N PRO A 78 10.65 -33.86 -5.16
CA PRO A 78 10.41 -34.18 -6.57
C PRO A 78 10.09 -35.65 -6.81
N ARG A 79 9.28 -35.91 -7.83
N ARG A 79 9.35 -35.89 -7.88
CA ARG A 79 8.92 -37.27 -8.17
CA ARG A 79 8.98 -37.24 -8.25
C ARG A 79 8.74 -37.38 -9.68
C ARG A 79 8.96 -37.32 -9.77
N ARG A 80 9.38 -38.39 -10.28
N ARG A 80 9.33 -38.47 -10.30
CA ARG A 80 9.31 -38.62 -11.71
CA ARG A 80 9.32 -38.65 -11.75
C ARG A 80 7.89 -38.67 -12.26
C ARG A 80 7.90 -38.72 -12.29
N VAL A 81 7.70 -38.08 -13.42
CA VAL A 81 6.41 -38.02 -14.09
C VAL A 81 5.89 -39.42 -14.31
N GLN A 82 6.76 -40.32 -14.75
CA GLN A 82 6.35 -41.71 -14.97
C GLN A 82 5.97 -42.44 -13.67
N GLU A 83 6.29 -41.85 -12.52
CA GLU A 83 5.92 -42.49 -11.27
C GLU A 83 4.68 -41.83 -10.64
N LEU A 84 4.06 -40.92 -11.39
CA LEU A 84 2.87 -40.21 -10.91
C LEU A 84 1.62 -40.90 -11.42
N SER A 85 0.61 -41.05 -10.56
CA SER A 85 -0.66 -41.64 -10.99
C SER A 85 -1.82 -40.64 -10.89
N ASP A 86 -1.68 -39.65 -10.03
CA ASP A 86 -2.75 -38.66 -9.87
C ASP A 86 -2.11 -37.41 -9.32
N VAL A 87 -2.55 -36.27 -9.82
CA VAL A 87 -2.03 -34.97 -9.35
C VAL A 87 -3.27 -34.09 -9.42
N ARG A 88 -3.71 -33.57 -8.27
CA ARG A 88 -4.92 -32.75 -8.22
C ARG A 88 -4.67 -31.41 -7.51
N THR A 89 -5.53 -30.45 -7.81
CA THR A 89 -5.38 -29.14 -7.15
C THR A 89 -6.71 -28.39 -7.12
N SER A 90 -6.85 -27.49 -6.13
CA SER A 90 -8.06 -26.67 -6.01
C SER A 90 -7.55 -25.27 -5.72
N TRP A 91 -8.34 -24.28 -6.11
CA TRP A 91 -7.99 -22.89 -5.94
C TRP A 91 -9.22 -22.00 -6.20
N THR A 92 -9.32 -20.90 -5.46
CA THR A 92 -10.39 -19.93 -5.72
C THR A 92 -9.67 -18.60 -5.81
N LEU A 93 -9.84 -17.91 -6.94
CA LEU A 93 -9.21 -16.61 -7.14
C LEU A 93 -10.25 -15.49 -7.20
N THR A 94 -9.86 -14.30 -6.79
CA THR A 94 -10.76 -13.14 -6.83
C THR A 94 -10.06 -12.19 -7.81
N PRO A 95 -10.66 -11.99 -9.01
CA PRO A 95 -10.09 -11.11 -10.03
C PRO A 95 -10.35 -9.63 -9.77
N ILE A 96 -9.70 -8.78 -10.54
CA ILE A 96 -9.94 -7.33 -10.44
C ILE A 96 -10.19 -6.87 -11.87
N THR A 97 -10.60 -5.62 -12.05
CA THR A 97 -10.90 -5.09 -13.37
C THR A 97 -9.83 -4.18 -13.95
N THR A 98 -8.75 -3.98 -13.21
CA THR A 98 -7.67 -3.11 -13.67
C THR A 98 -6.32 -3.85 -13.74
N GLY A 99 -5.32 -3.16 -14.27
CA GLY A 99 -3.98 -3.73 -14.38
C GLY A 99 -3.79 -4.78 -15.47
N ARG A 100 -2.57 -5.25 -15.59
N ARG A 100 -2.55 -5.24 -15.59
CA ARG A 100 -2.23 -6.27 -16.57
CA ARG A 100 -2.19 -6.25 -16.57
C ARG A 100 -1.61 -7.39 -15.76
C ARG A 100 -1.60 -7.38 -15.74
N TRP A 101 -2.33 -8.49 -15.68
CA TRP A 101 -1.89 -9.63 -14.88
C TRP A 101 -2.64 -10.89 -15.31
N ASN A 102 -2.20 -12.03 -14.77
CA ASN A 102 -2.92 -13.28 -14.99
C ASN A 102 -3.06 -13.96 -13.63
N ALA A 103 -3.92 -14.97 -13.57
CA ALA A 103 -4.12 -15.77 -12.36
C ALA A 103 -3.78 -17.12 -12.98
N ALA A 104 -2.64 -17.69 -12.61
CA ALA A 104 -2.22 -18.92 -13.26
C ALA A 104 -1.35 -19.84 -12.41
N TYR A 105 -1.45 -21.14 -12.70
CA TYR A 105 -0.58 -22.11 -12.07
C TYR A 105 0.76 -22.06 -12.81
N ASP A 106 1.83 -22.39 -12.08
CA ASP A 106 3.20 -22.44 -12.62
C ASP A 106 3.71 -23.78 -12.03
N ILE A 107 4.00 -24.75 -12.90
CA ILE A 107 4.41 -26.07 -12.46
C ILE A 107 5.77 -26.37 -13.08
N TRP A 108 6.74 -26.70 -12.21
CA TRP A 108 8.12 -26.89 -12.66
C TRP A 108 8.61 -28.32 -12.74
N PHE A 109 9.33 -28.60 -13.83
CA PHE A 109 9.91 -29.93 -14.08
C PHE A 109 11.38 -29.81 -14.48
N SER A 110 12.15 -30.85 -14.19
CA SER A 110 13.55 -30.88 -14.62
C SER A 110 14.05 -32.33 -14.59
N PRO A 111 15.13 -32.59 -15.34
CA PRO A 111 15.73 -33.94 -15.42
C PRO A 111 16.39 -34.38 -14.10
N VAL A 112 16.75 -33.40 -13.26
CA VAL A 112 17.43 -33.72 -12.02
C VAL A 112 16.63 -33.43 -10.76
N THR A 113 17.03 -34.03 -9.65
CA THR A 113 16.30 -33.83 -8.39
C THR A 113 16.67 -32.54 -7.65
N ASN A 114 17.85 -31.98 -7.92
CA ASN A 114 18.25 -30.74 -7.23
C ASN A 114 17.66 -29.53 -7.96
N SER A 115 16.91 -28.69 -7.25
CA SER A 115 16.35 -27.51 -7.90
C SER A 115 16.95 -26.19 -7.41
N GLY A 116 18.05 -26.26 -6.68
CA GLY A 116 18.66 -25.04 -6.17
C GLY A 116 19.04 -24.00 -7.20
N ASN A 117 19.37 -24.44 -8.41
N ASN A 117 19.37 -24.44 -8.41
CA ASN A 117 19.76 -23.50 -9.45
CA ASN A 117 19.76 -23.52 -9.47
C ASN A 117 18.72 -23.41 -10.56
C ASN A 117 18.72 -23.42 -10.57
N GLY A 118 17.48 -23.77 -10.24
CA GLY A 118 16.44 -23.69 -11.24
C GLY A 118 16.09 -24.98 -11.96
N TYR A 119 15.52 -24.79 -13.15
CA TYR A 119 15.04 -25.89 -13.95
C TYR A 119 15.53 -25.91 -15.39
N SER A 120 16.73 -25.39 -15.61
N SER A 120 16.72 -25.36 -15.62
CA SER A 120 17.32 -25.39 -16.95
CA SER A 120 17.27 -25.36 -16.99
C SER A 120 17.21 -26.79 -17.56
C SER A 120 17.20 -26.77 -17.56
N GLY A 121 16.83 -26.86 -18.84
CA GLY A 121 16.72 -28.15 -19.49
C GLY A 121 15.47 -28.95 -19.10
N GLY A 122 14.57 -28.33 -18.35
CA GLY A 122 13.36 -29.02 -17.95
C GLY A 122 12.14 -28.39 -18.61
N ALA A 123 11.09 -28.17 -17.84
CA ALA A 123 9.88 -27.56 -18.39
C ALA A 123 9.13 -26.75 -17.33
N GLU A 124 8.36 -25.79 -17.81
CA GLU A 124 7.51 -24.94 -16.98
C GLU A 124 6.12 -25.08 -17.64
N LEU A 125 5.18 -25.60 -16.89
CA LEU A 125 3.82 -25.78 -17.41
C LEU A 125 2.91 -24.82 -16.65
N MET A 126 2.30 -23.90 -17.39
CA MET A 126 1.39 -22.94 -16.76
C MET A 126 -0.04 -23.27 -17.15
N ILE A 127 -0.98 -22.92 -16.27
CA ILE A 127 -2.40 -23.11 -16.54
C ILE A 127 -3.03 -21.77 -16.18
N TRP A 128 -3.40 -21.02 -17.22
CA TRP A 128 -3.95 -19.67 -17.05
C TRP A 128 -5.49 -19.73 -16.87
N LEU A 129 -5.97 -19.25 -15.74
CA LEU A 129 -7.40 -19.30 -15.41
C LEU A 129 -8.14 -17.98 -15.56
N ASN A 130 -7.42 -16.87 -15.40
CA ASN A 130 -8.05 -15.57 -15.51
C ASN A 130 -6.94 -14.59 -15.81
N TRP A 131 -7.32 -13.39 -16.26
CA TRP A 131 -6.33 -12.38 -16.62
C TRP A 131 -7.04 -11.06 -16.94
N ASN A 132 -6.24 -10.05 -17.21
CA ASN A 132 -6.78 -8.73 -17.55
C ASN A 132 -5.69 -7.92 -18.21
N GLY A 133 -6.10 -6.95 -19.03
CA GLY A 133 -5.13 -6.09 -19.67
C GLY A 133 -4.52 -6.53 -20.98
N GLY A 134 -5.01 -7.61 -21.56
CA GLY A 134 -4.50 -8.09 -22.84
C GLY A 134 -3.21 -8.88 -22.77
N VAL A 135 -2.82 -9.33 -21.57
CA VAL A 135 -1.58 -10.10 -21.46
C VAL A 135 -1.74 -11.41 -22.19
N MET A 136 -0.64 -11.95 -22.70
CA MET A 136 -0.67 -13.20 -23.46
C MET A 136 0.47 -14.10 -23.02
N PRO A 137 0.30 -15.42 -23.19
CA PRO A 137 1.37 -16.37 -22.80
C PRO A 137 2.60 -16.15 -23.69
N GLY A 138 3.71 -16.78 -23.29
CA GLY A 138 4.90 -16.68 -24.11
C GLY A 138 4.79 -17.64 -25.27
N GLY A 139 5.70 -17.52 -26.23
CA GLY A 139 5.69 -18.40 -27.38
C GLY A 139 4.51 -18.18 -28.32
N SER A 140 4.06 -19.26 -28.94
N SER A 140 4.03 -19.25 -28.94
CA SER A 140 2.94 -19.23 -29.88
CA SER A 140 2.89 -19.15 -29.83
C SER A 140 1.92 -20.33 -29.59
C SER A 140 1.92 -20.29 -29.58
N ARG A 141 0.66 -20.07 -29.95
CA ARG A 141 -0.39 -21.05 -29.76
C ARG A 141 -0.19 -22.15 -30.78
N VAL A 142 -0.09 -23.38 -30.32
CA VAL A 142 0.13 -24.50 -31.22
C VAL A 142 -1.05 -25.46 -31.31
N ALA A 143 -2.06 -25.25 -30.47
CA ALA A 143 -3.21 -26.15 -30.46
C ALA A 143 -4.25 -25.63 -29.50
N THR A 144 -5.42 -26.25 -29.55
CA THR A 144 -6.50 -25.97 -28.61
C THR A 144 -7.02 -27.35 -28.31
N VAL A 145 -7.06 -27.67 -27.03
CA VAL A 145 -7.41 -29.02 -26.62
C VAL A 145 -8.34 -29.07 -25.42
N GLU A 146 -9.14 -30.12 -25.38
CA GLU A 146 -10.06 -30.32 -24.29
C GLU A 146 -9.35 -31.19 -23.24
N LEU A 147 -9.25 -30.68 -22.01
CA LEU A 147 -8.59 -31.43 -20.94
C LEU A 147 -9.24 -31.13 -19.62
N ALA A 148 -9.27 -32.12 -18.74
CA ALA A 148 -9.75 -31.92 -17.37
C ALA A 148 -11.04 -31.14 -17.19
N GLY A 149 -11.98 -31.31 -18.11
CA GLY A 149 -13.25 -30.64 -17.97
C GLY A 149 -13.42 -29.28 -18.64
N ALA A 150 -12.39 -28.77 -19.31
CA ALA A 150 -12.52 -27.47 -20.00
C ALA A 150 -11.71 -27.52 -21.28
N THR A 151 -11.69 -26.40 -21.98
CA THR A 151 -10.97 -26.29 -23.25
C THR A 151 -9.85 -25.28 -23.10
N TRP A 152 -8.68 -25.62 -23.62
CA TRP A 152 -7.48 -24.78 -23.45
C TRP A 152 -6.63 -24.48 -24.69
N GLU A 153 -6.20 -23.24 -24.84
CA GLU A 153 -5.27 -22.88 -25.90
C GLU A 153 -3.94 -23.45 -25.38
N VAL A 154 -3.14 -24.04 -26.26
CA VAL A 154 -1.83 -24.59 -25.87
C VAL A 154 -0.77 -23.70 -26.48
N TRP A 155 0.00 -23.03 -25.63
CA TRP A 155 1.07 -22.15 -26.07
C TRP A 155 2.40 -22.82 -25.76
N TYR A 156 3.34 -22.70 -26.68
CA TYR A 156 4.66 -23.31 -26.49
C TYR A 156 5.81 -22.40 -26.88
N ALA A 157 6.87 -22.43 -26.08
CA ALA A 157 8.09 -21.64 -26.33
C ALA A 157 9.27 -22.53 -25.99
N ASP A 158 10.19 -22.69 -26.94
CA ASP A 158 11.36 -23.51 -26.73
C ASP A 158 12.51 -22.67 -26.18
N TRP A 159 12.49 -22.40 -24.88
CA TRP A 159 13.53 -21.60 -24.20
C TRP A 159 14.57 -22.51 -23.55
N ASP A 160 15.28 -22.00 -22.54
N ASP A 160 15.27 -21.99 -22.53
CA ASP A 160 16.28 -22.82 -21.85
CA ASP A 160 16.26 -22.78 -21.81
C ASP A 160 15.56 -24.04 -21.27
C ASP A 160 15.57 -24.01 -21.24
N TRP A 161 14.27 -23.87 -20.99
CA TRP A 161 13.45 -24.99 -20.51
C TRP A 161 12.25 -24.84 -21.45
N ASN A 162 11.47 -25.89 -21.59
CA ASN A 162 10.28 -25.85 -22.45
C ASN A 162 9.16 -25.11 -21.71
N TYR A 163 8.61 -24.08 -22.32
CA TYR A 163 7.52 -23.32 -21.69
C TYR A 163 6.21 -23.79 -22.33
N ILE A 164 5.27 -24.29 -21.51
CA ILE A 164 3.99 -24.74 -22.05
C ILE A 164 2.92 -24.05 -21.25
N ALA A 165 2.07 -23.26 -21.90
CA ALA A 165 1.00 -22.59 -21.17
C ALA A 165 -0.36 -23.00 -21.73
N TYR A 166 -1.23 -23.44 -20.84
CA TYR A 166 -2.59 -23.81 -21.20
C TYR A 166 -3.47 -22.65 -20.76
N ARG A 167 -4.09 -21.98 -21.74
N ARG A 167 -4.08 -21.96 -21.72
CA ARG A 167 -4.96 -20.84 -21.45
CA ARG A 167 -4.94 -20.83 -21.38
C ARG A 167 -6.41 -21.23 -21.68
C ARG A 167 -6.39 -21.19 -21.67
N ARG A 168 -7.21 -21.15 -20.62
CA ARG A 168 -8.61 -21.49 -20.72
C ARG A 168 -9.28 -20.63 -21.82
N THR A 169 -10.17 -21.23 -22.59
CA THR A 169 -10.82 -20.49 -23.67
C THR A 169 -11.72 -19.39 -23.10
N THR A 170 -12.20 -19.59 -21.88
CA THR A 170 -12.98 -18.57 -21.21
C THR A 170 -12.48 -18.55 -19.77
N PRO A 171 -12.40 -17.36 -19.17
CA PRO A 171 -11.92 -17.24 -17.80
C PRO A 171 -12.81 -17.91 -16.75
N THR A 172 -12.22 -18.24 -15.61
CA THR A 172 -12.94 -18.85 -14.50
C THR A 172 -12.34 -18.30 -13.21
N THR A 173 -13.06 -18.45 -12.10
CA THR A 173 -12.54 -17.95 -10.84
C THR A 173 -12.24 -19.08 -9.86
N SER A 174 -12.46 -20.32 -10.28
CA SER A 174 -12.14 -21.40 -9.35
C SER A 174 -12.07 -22.76 -10.01
N VAL A 175 -11.25 -23.62 -9.41
CA VAL A 175 -11.17 -25.00 -9.84
C VAL A 175 -11.23 -25.84 -8.58
N SER A 176 -11.85 -27.01 -8.70
CA SER A 176 -11.94 -27.95 -7.58
C SER A 176 -11.48 -29.30 -8.11
N GLU A 177 -10.40 -29.82 -7.53
CA GLU A 177 -9.81 -31.10 -7.90
C GLU A 177 -9.52 -31.20 -9.39
N LEU A 178 -8.92 -30.13 -9.90
CA LEU A 178 -8.50 -30.06 -11.28
C LEU A 178 -7.47 -31.16 -11.52
N ASP A 179 -7.68 -31.91 -12.60
CA ASP A 179 -6.78 -33.00 -12.94
C ASP A 179 -5.50 -32.49 -13.60
N LEU A 180 -4.51 -32.14 -12.79
CA LEU A 180 -3.23 -31.67 -13.31
C LEU A 180 -2.50 -32.74 -14.14
N LYS A 181 -2.70 -34.00 -13.78
CA LYS A 181 -2.04 -35.07 -14.53
C LYS A 181 -2.50 -35.08 -16.00
N ALA A 182 -3.71 -34.63 -16.27
CA ALA A 182 -4.18 -34.57 -17.66
C ALA A 182 -3.33 -33.61 -18.46
N PHE A 183 -2.96 -32.48 -17.86
CA PHE A 183 -2.14 -31.48 -18.53
C PHE A 183 -0.72 -32.01 -18.73
N ILE A 184 -0.18 -32.64 -17.69
CA ILE A 184 1.16 -33.20 -17.77
C ILE A 184 1.18 -34.26 -18.90
N ASP A 185 0.16 -35.10 -18.95
CA ASP A 185 0.11 -36.15 -19.97
C ASP A 185 0.04 -35.56 -21.39
N ASP A 186 -0.68 -34.46 -21.53
CA ASP A 186 -0.78 -33.80 -22.82
C ASP A 186 0.58 -33.24 -23.21
N ALA A 187 1.29 -32.61 -22.27
CA ALA A 187 2.58 -32.05 -22.57
C ALA A 187 3.59 -33.13 -22.92
N VAL A 188 3.50 -34.27 -22.24
CA VAL A 188 4.40 -35.39 -22.53
C VAL A 188 4.10 -35.89 -23.96
N ALA A 189 2.82 -35.98 -24.28
CA ALA A 189 2.39 -36.46 -25.61
C ALA A 189 2.94 -35.55 -26.70
N ARG A 190 2.98 -34.25 -26.41
CA ARG A 190 3.48 -33.25 -27.36
C ARG A 190 5.00 -33.21 -27.44
N GLY A 191 5.65 -33.95 -26.53
CA GLY A 191 7.11 -34.02 -26.50
C GLY A 191 7.74 -32.86 -25.76
N TYR A 192 6.94 -32.17 -24.96
CA TYR A 192 7.44 -31.02 -24.23
C TYR A 192 7.94 -31.40 -22.83
N ILE A 193 7.52 -32.56 -22.34
CA ILE A 193 8.00 -33.04 -21.04
C ILE A 193 8.36 -34.52 -21.22
N ARG A 194 9.52 -34.93 -20.71
CA ARG A 194 9.91 -36.34 -20.79
C ARG A 194 9.41 -37.06 -19.55
N PRO A 195 8.94 -38.31 -19.70
CA PRO A 195 8.43 -39.06 -18.55
C PRO A 195 9.45 -39.28 -17.45
N GLU A 196 10.73 -39.29 -17.80
CA GLU A 196 11.80 -39.50 -16.83
C GLU A 196 12.09 -38.25 -16.01
N TRP A 197 11.53 -37.11 -16.42
CA TRP A 197 11.77 -35.88 -15.70
C TRP A 197 10.97 -35.86 -14.40
N TYR A 198 11.42 -35.00 -13.50
CA TYR A 198 10.79 -34.87 -12.20
C TYR A 198 9.88 -33.68 -12.09
N LEU A 199 8.75 -33.88 -11.43
CA LEU A 199 7.81 -32.82 -11.11
C LEU A 199 8.42 -32.26 -9.79
N HIS A 200 8.77 -30.97 -9.77
CA HIS A 200 9.35 -30.35 -8.57
C HIS A 200 8.40 -29.57 -7.71
N ALA A 201 7.49 -28.85 -8.36
CA ALA A 201 6.58 -28.00 -7.61
C ALA A 201 5.32 -27.66 -8.36
N VAL A 202 4.24 -27.48 -7.61
CA VAL A 202 2.96 -27.04 -8.18
C VAL A 202 2.69 -25.70 -7.49
N GLU A 203 2.64 -24.64 -8.28
CA GLU A 203 2.42 -23.31 -7.71
C GLU A 203 1.25 -22.61 -8.37
N THR A 204 0.63 -21.68 -7.66
CA THR A 204 -0.37 -20.84 -8.33
C THR A 204 -0.27 -19.45 -7.74
N GLY A 205 -0.68 -18.46 -8.52
CA GLY A 205 -0.55 -17.08 -8.06
C GLY A 205 -0.86 -16.14 -9.20
N PHE A 206 -0.28 -14.94 -9.18
CA PHE A 206 -0.58 -13.95 -10.20
C PHE A 206 0.67 -13.36 -10.86
N GLU A 207 0.84 -13.56 -12.15
CA GLU A 207 1.98 -12.93 -12.78
C GLU A 207 1.51 -11.52 -12.99
N LEU A 208 2.28 -10.56 -12.46
CA LEU A 208 1.94 -9.16 -12.58
C LEU A 208 2.86 -8.38 -13.52
N TRP A 209 2.27 -7.62 -14.43
CA TRP A 209 3.01 -6.75 -15.35
C TRP A 209 2.76 -5.31 -14.91
N GLU A 210 1.50 -5.02 -14.60
N GLU A 210 1.50 -5.03 -14.57
CA GLU A 210 1.11 -3.69 -14.15
CA GLU A 210 1.13 -3.69 -14.14
C GLU A 210 0.00 -3.76 -13.11
C GLU A 210 0.01 -3.76 -13.10
N GLY A 211 0.25 -3.16 -11.94
CA GLY A 211 -0.73 -3.15 -10.87
C GLY A 211 -0.95 -4.54 -10.25
N GLY A 212 -2.17 -4.81 -9.84
CA GLY A 212 -2.50 -6.11 -9.26
C GLY A 212 -3.12 -6.07 -7.87
N ALA A 213 -3.12 -4.90 -7.22
CA ALA A 213 -3.71 -4.82 -5.88
C ALA A 213 -5.19 -5.18 -5.91
N GLY A 214 -5.59 -6.07 -4.98
CA GLY A 214 -6.96 -6.50 -4.92
C GLY A 214 -7.13 -7.96 -5.31
N LEU A 215 -6.16 -8.48 -6.05
CA LEU A 215 -6.23 -9.91 -6.43
C LEU A 215 -6.12 -10.75 -5.16
N ARG A 216 -6.88 -11.85 -5.07
CA ARG A 216 -6.80 -12.69 -3.91
C ARG A 216 -6.72 -14.16 -4.32
N SER A 217 -5.87 -14.88 -3.62
CA SER A 217 -5.66 -16.32 -3.79
C SER A 217 -6.26 -16.99 -2.56
N ALA A 218 -7.05 -18.05 -2.74
CA ALA A 218 -7.62 -18.71 -1.58
C ALA A 218 -7.92 -20.17 -1.86
N ASP A 219 -8.21 -20.90 -0.78
CA ASP A 219 -8.62 -22.32 -0.87
C ASP A 219 -7.63 -23.21 -1.63
N PHE A 220 -6.35 -22.91 -1.52
CA PHE A 220 -5.36 -23.74 -2.25
C PHE A 220 -5.17 -25.13 -1.66
N SER A 221 -5.09 -26.12 -2.55
CA SER A 221 -4.78 -27.48 -2.15
C SER A 221 -4.08 -28.15 -3.34
N VAL A 222 -3.12 -29.00 -3.02
CA VAL A 222 -2.48 -29.82 -4.07
C VAL A 222 -2.28 -31.19 -3.46
N THR A 223 -2.57 -32.24 -4.23
CA THR A 223 -2.25 -33.59 -3.76
C THR A 223 -1.58 -34.34 -4.91
N VAL A 224 -0.66 -35.22 -4.53
CA VAL A 224 0.03 -36.03 -5.50
C VAL A 224 -0.03 -37.47 -5.02
N GLN A 225 -0.38 -38.39 -5.92
N GLN A 225 -0.38 -38.39 -5.92
CA GLN A 225 -0.42 -39.81 -5.59
CA GLN A 225 -0.43 -39.82 -5.59
C GLN A 225 0.61 -40.55 -6.44
C GLN A 225 0.61 -40.55 -6.44
N LYS A 226 1.45 -41.38 -5.81
CA LYS A 226 2.47 -42.12 -6.53
C LYS A 226 1.92 -43.42 -7.13
N LEU A 227 2.54 -43.88 -8.21
CA LEU A 227 2.13 -45.12 -8.87
C LEU A 227 2.50 -46.35 -8.05
N THR B 2 14.27 8.54 0.58
CA THR B 2 13.00 8.69 1.33
C THR B 2 12.70 7.45 2.18
N VAL B 3 11.76 7.58 3.08
CA VAL B 3 11.36 6.47 3.94
C VAL B 3 9.84 6.45 3.96
N GLU B 4 9.25 5.26 3.99
CA GLU B 4 7.81 5.20 4.01
C GLU B 4 7.31 4.89 5.42
N LEU B 5 6.25 5.57 5.82
CA LEU B 5 5.68 5.38 7.13
C LEU B 5 4.26 4.87 6.96
N CYS B 6 4.01 3.64 7.42
CA CYS B 6 2.69 3.06 7.28
C CYS B 6 2.06 2.83 8.64
N GLY B 7 2.88 2.88 9.69
CA GLY B 7 2.38 2.69 11.03
C GLY B 7 1.41 3.78 11.42
N ARG B 8 0.43 3.44 12.24
CA ARG B 8 -0.59 4.36 12.70
C ARG B 8 -0.05 5.64 13.34
N TRP B 9 1.00 5.49 14.14
CA TRP B 9 1.62 6.61 14.82
C TRP B 9 3.08 6.77 14.39
N ASP B 10 3.42 6.32 13.19
CA ASP B 10 4.80 6.45 12.74
C ASP B 10 5.12 7.95 12.66
N ALA B 11 6.38 8.27 12.85
CA ALA B 11 6.80 9.67 12.80
C ALA B 11 8.27 9.71 12.50
N ARG B 12 8.72 10.84 11.97
N ARG B 12 8.73 10.85 12.00
CA ARG B 12 10.13 11.01 11.65
CA ARG B 12 10.13 11.00 11.69
C ARG B 12 10.56 12.46 11.88
C ARG B 12 10.55 12.45 11.89
N ASP B 13 11.71 12.64 12.52
CA ASP B 13 12.27 13.96 12.73
C ASP B 13 12.88 14.27 11.37
N VAL B 14 12.72 15.51 10.89
CA VAL B 14 13.24 15.87 9.57
C VAL B 14 13.89 17.25 9.63
N ALA B 15 14.57 17.63 8.55
CA ALA B 15 15.21 18.94 8.43
C ALA B 15 16.13 19.22 9.63
N GLY B 16 17.01 18.27 9.89
CA GLY B 16 17.95 18.41 11.00
C GLY B 16 17.27 18.46 12.36
N GLY B 17 16.02 18.03 12.44
CA GLY B 17 15.30 18.08 13.70
C GLY B 17 14.42 19.32 13.84
N ARG B 18 14.49 20.23 12.89
CA ARG B 18 13.64 21.43 12.99
C ARG B 18 12.15 21.12 12.88
N TYR B 19 11.80 20.11 12.10
CA TYR B 19 10.39 19.77 11.96
C TYR B 19 10.23 18.28 12.23
N ARG B 20 8.98 17.85 12.33
CA ARG B 20 8.69 16.42 12.54
C ARG B 20 7.48 16.08 11.69
N VAL B 21 7.55 14.91 11.04
CA VAL B 21 6.46 14.43 10.21
C VAL B 21 5.76 13.27 10.92
N ILE B 22 4.44 13.30 10.92
CA ILE B 22 3.67 12.26 11.62
C ILE B 22 2.63 11.61 10.68
N ASN B 23 2.56 10.27 10.63
CA ASN B 23 1.57 9.62 9.75
C ASN B 23 0.21 9.98 10.36
N ASN B 24 0.13 9.89 11.68
CA ASN B 24 -1.03 10.35 12.43
C ASN B 24 -2.44 9.84 12.06
N VAL B 25 -2.61 8.52 11.97
CA VAL B 25 -3.91 7.96 11.64
C VAL B 25 -4.64 7.85 12.97
N TRP B 26 -5.28 8.95 13.40
CA TRP B 26 -5.93 8.96 14.70
C TRP B 26 -7.42 8.65 14.79
N GLY B 27 -8.15 8.80 13.69
CA GLY B 27 -9.59 8.54 13.75
C GLY B 27 -10.09 7.30 13.03
N ALA B 28 -9.23 6.30 12.85
CA ALA B 28 -9.63 5.10 12.15
C ALA B 28 -8.53 4.05 12.11
N GLU B 29 -8.88 2.85 11.67
CA GLU B 29 -7.92 1.76 11.59
C GLU B 29 -7.56 1.45 10.14
N THR B 30 -8.15 2.19 9.22
CA THR B 30 -7.87 2.02 7.80
C THR B 30 -6.41 2.32 7.48
N ALA B 31 -5.85 1.60 6.51
CA ALA B 31 -4.45 1.76 6.13
C ALA B 31 -4.09 3.13 5.57
N GLN B 32 -2.83 3.48 5.73
CA GLN B 32 -2.30 4.75 5.23
C GLN B 32 -0.79 4.78 5.35
N CYS B 33 -0.12 5.19 4.28
CA CYS B 33 1.33 5.28 4.28
C CYS B 33 1.72 6.59 3.62
N ILE B 34 2.80 7.18 4.09
CA ILE B 34 3.32 8.41 3.49
C ILE B 34 4.77 8.14 3.24
N GLU B 35 5.30 8.69 2.14
CA GLU B 35 6.69 8.54 1.76
C GLU B 35 7.33 9.90 2.06
N VAL B 36 8.28 9.90 3.01
CA VAL B 36 8.92 11.11 3.52
C VAL B 36 10.38 11.39 3.13
N GLY B 37 10.63 12.63 2.71
CA GLY B 37 11.98 13.05 2.39
C GLY B 37 12.51 13.57 3.71
N LEU B 38 13.59 12.98 4.22
CA LEU B 38 14.12 13.36 5.52
C LEU B 38 14.78 14.71 5.64
N GLU B 39 15.29 15.24 4.53
CA GLU B 39 15.97 16.53 4.59
C GLU B 39 14.99 17.70 4.61
N THR B 40 13.91 17.56 3.86
CA THR B 40 12.90 18.62 3.73
C THR B 40 11.62 18.38 4.52
N GLY B 41 11.30 17.11 4.74
CA GLY B 41 10.09 16.76 5.41
C GLY B 41 8.96 16.62 4.39
N ASN B 42 9.25 16.79 3.10
CA ASN B 42 8.21 16.70 2.06
C ASN B 42 7.67 15.26 2.10
N PHE B 43 6.38 15.10 1.85
CA PHE B 43 5.83 13.74 1.86
C PHE B 43 4.61 13.59 0.96
N THR B 44 4.42 12.38 0.45
CA THR B 44 3.29 12.09 -0.43
C THR B 44 2.50 10.97 0.27
N ILE B 45 1.18 11.03 0.19
CA ILE B 45 0.37 9.98 0.79
C ILE B 45 0.36 8.94 -0.34
N THR B 46 1.09 7.85 -0.13
CA THR B 46 1.19 6.78 -1.14
C THR B 46 0.12 5.70 -0.98
N ARG B 47 -0.64 5.77 0.09
CA ARG B 47 -1.72 4.82 0.35
C ARG B 47 -2.64 5.40 1.39
N ALA B 48 -3.94 5.34 1.13
CA ALA B 48 -4.95 5.85 2.03
C ALA B 48 -6.28 5.16 1.71
N ASP B 49 -6.63 4.18 2.54
CA ASP B 49 -7.86 3.41 2.36
C ASP B 49 -8.97 3.89 3.28
N HIS B 50 -9.03 5.19 3.52
CA HIS B 50 -10.04 5.75 4.42
C HIS B 50 -11.42 5.93 3.81
N ASP B 51 -12.42 5.68 4.65
CA ASP B 51 -13.83 5.81 4.30
C ASP B 51 -14.50 5.90 5.65
N ASN B 52 -14.13 6.94 6.40
CA ASN B 52 -14.62 7.17 7.76
C ASN B 52 -15.89 8.02 7.86
N GLY B 53 -16.61 8.17 6.76
CA GLY B 53 -17.84 8.96 6.78
C GLY B 53 -17.71 10.43 7.14
N ASN B 54 -18.37 10.85 8.20
CA ASN B 54 -18.32 12.26 8.62
C ASN B 54 -17.29 12.55 9.70
N ASN B 55 -16.43 11.58 9.98
CA ASN B 55 -15.39 11.76 10.99
C ASN B 55 -14.03 11.65 10.32
N VAL B 56 -13.06 12.42 10.82
CA VAL B 56 -11.72 12.41 10.26
C VAL B 56 -11.01 11.12 10.57
N ALA B 57 -10.40 10.51 9.56
CA ALA B 57 -9.69 9.26 9.75
C ALA B 57 -8.24 9.51 10.18
N ALA B 58 -7.62 10.56 9.65
CA ALA B 58 -6.24 10.84 9.99
C ALA B 58 -5.80 12.25 9.60
N TYR B 59 -4.65 12.66 10.10
CA TYR B 59 -4.08 13.97 9.76
C TYR B 59 -2.57 13.86 9.55
N PRO B 60 -2.13 13.25 8.43
CA PRO B 60 -0.70 13.13 8.16
C PRO B 60 -0.22 14.58 8.12
N ALA B 61 0.92 14.88 8.73
CA ALA B 61 1.30 16.29 8.78
C ALA B 61 2.75 16.52 9.14
N ILE B 62 3.18 17.76 8.98
CA ILE B 62 4.52 18.11 9.37
C ILE B 62 4.32 19.26 10.40
N TYR B 63 5.15 19.32 11.44
CA TYR B 63 4.97 20.41 12.42
C TYR B 63 6.25 20.96 12.98
N PHE B 64 6.10 22.14 13.59
CA PHE B 64 7.15 22.89 14.24
C PHE B 64 6.61 23.11 15.65
N GLY B 65 7.40 22.74 16.66
CA GLY B 65 6.98 22.94 18.02
C GLY B 65 6.69 21.64 18.76
N CYS B 66 5.66 21.67 19.61
CA CYS B 66 5.31 20.53 20.47
C CYS B 66 3.93 19.97 20.25
N HIS B 67 3.87 18.74 19.74
CA HIS B 67 2.64 18.06 19.44
C HIS B 67 2.41 16.99 20.49
N TRP B 68 1.42 17.20 21.37
CA TRP B 68 1.13 16.23 22.44
C TRP B 68 2.39 15.83 23.18
N GLY B 69 3.18 16.84 23.56
CA GLY B 69 4.41 16.58 24.30
C GLY B 69 5.68 16.33 23.51
N ALA B 70 5.55 15.87 22.27
CA ALA B 70 6.71 15.58 21.45
C ALA B 70 7.14 16.84 20.72
N CYS B 71 8.24 17.44 21.17
CA CYS B 71 8.71 18.66 20.56
C CYS B 71 9.82 18.45 19.55
N THR B 72 9.87 19.37 18.59
CA THR B 72 10.92 19.38 17.58
C THR B 72 12.16 20.00 18.27
N SER B 73 13.28 20.08 17.55
N SER B 73 13.28 20.09 17.54
CA SER B 73 14.50 20.61 18.14
CA SER B 73 14.51 20.62 18.12
C SER B 73 14.60 22.13 18.14
C SER B 73 14.58 22.14 18.14
N ASN B 74 14.80 22.71 19.32
CA ASN B 74 14.94 24.17 19.48
C ASN B 74 13.95 25.05 18.73
N SER B 75 12.66 24.81 18.94
CA SER B 75 11.63 25.59 18.27
C SER B 75 11.37 26.94 18.94
N GLY B 76 11.71 27.03 20.23
CA GLY B 76 11.44 28.25 20.96
C GLY B 76 10.01 28.22 21.47
N LEU B 77 9.32 27.10 21.25
CA LEU B 77 7.95 26.93 21.70
C LEU B 77 7.90 25.85 22.78
N PRO B 78 6.89 25.88 23.66
CA PRO B 78 5.79 26.83 23.72
C PRO B 78 6.21 28.19 24.23
N ARG B 79 5.49 29.22 23.76
CA ARG B 79 5.70 30.60 24.16
C ARG B 79 4.36 31.31 24.14
N ARG B 80 4.10 32.11 25.17
CA ARG B 80 2.84 32.85 25.26
C ARG B 80 2.61 33.72 24.04
N VAL B 81 1.36 33.75 23.58
CA VAL B 81 1.01 34.54 22.40
C VAL B 81 1.41 36.01 22.55
N GLN B 82 1.22 36.56 23.74
CA GLN B 82 1.57 37.95 23.97
C GLN B 82 3.07 38.24 23.91
N GLU B 83 3.87 37.19 23.82
CA GLU B 83 5.33 37.37 23.74
C GLU B 83 5.84 37.17 22.31
N LEU B 84 4.92 36.91 21.39
CA LEU B 84 5.27 36.68 20.00
C LEU B 84 5.23 37.99 19.23
N SER B 85 6.20 38.17 18.34
CA SER B 85 6.28 39.35 17.51
C SER B 85 5.90 39.03 16.06
N ASP B 86 6.40 37.91 15.55
CA ASP B 86 6.17 37.49 14.17
C ASP B 86 6.06 35.97 14.13
N VAL B 87 5.19 35.45 13.27
CA VAL B 87 5.06 34.00 13.08
C VAL B 87 4.79 33.90 11.60
N ARG B 88 5.67 33.19 10.87
CA ARG B 88 5.58 33.06 9.43
C ARG B 88 5.66 31.60 8.98
N THR B 89 5.13 31.32 7.80
CA THR B 89 5.20 29.95 7.29
C THR B 89 5.10 29.89 5.77
N SER B 90 5.66 28.83 5.19
CA SER B 90 5.56 28.61 3.74
C SER B 90 5.18 27.16 3.58
N TRP B 91 4.50 26.86 2.46
CA TRP B 91 4.04 25.51 2.18
C TRP B 91 3.56 25.42 0.73
N THR B 92 3.77 24.25 0.13
CA THR B 92 3.30 24.00 -1.23
C THR B 92 2.62 22.64 -1.17
N LEU B 93 1.33 22.63 -1.53
CA LEU B 93 0.57 21.40 -1.51
C LEU B 93 0.19 20.96 -2.91
N THR B 94 0.09 19.65 -3.10
CA THR B 94 -0.30 19.10 -4.40
C THR B 94 -1.67 18.49 -4.18
N PRO B 95 -2.73 19.12 -4.70
CA PRO B 95 -4.09 18.59 -4.53
C PRO B 95 -4.37 17.43 -5.49
N ILE B 96 -5.36 16.62 -5.15
CA ILE B 96 -5.76 15.50 -6.03
C ILE B 96 -7.23 15.76 -6.40
N THR B 97 -7.75 14.99 -7.35
CA THR B 97 -9.11 15.21 -7.82
C THR B 97 -10.18 14.34 -7.17
N THR B 98 -9.76 13.36 -6.38
CA THR B 98 -10.73 12.49 -5.73
C THR B 98 -10.59 12.40 -4.22
N GLY B 99 -11.69 12.04 -3.57
CA GLY B 99 -11.70 11.87 -2.13
C GLY B 99 -12.30 13.02 -1.36
N ARG B 100 -12.38 12.87 -0.04
N ARG B 100 -12.37 12.83 -0.05
CA ARG B 100 -12.92 13.92 0.82
CA ARG B 100 -12.89 13.82 0.89
C ARG B 100 -11.84 14.23 1.85
C ARG B 100 -11.73 14.17 1.81
N TRP B 101 -11.15 15.34 1.63
CA TRP B 101 -10.02 15.74 2.49
C TRP B 101 -9.83 17.23 2.41
N ASN B 102 -8.97 17.76 3.27
CA ASN B 102 -8.63 19.18 3.19
C ASN B 102 -7.11 19.22 3.28
N ALA B 103 -6.56 20.39 2.97
CA ALA B 103 -5.13 20.70 3.03
C ALA B 103 -5.18 21.91 3.97
N ALA B 104 -4.75 21.73 5.20
CA ALA B 104 -4.87 22.80 6.17
C ALA B 104 -3.85 22.82 7.28
N TYR B 105 -3.60 24.01 7.80
CA TYR B 105 -2.74 24.18 8.95
C TYR B 105 -3.59 23.87 10.17
N ASP B 106 -2.93 23.39 11.22
CA ASP B 106 -3.55 23.07 12.51
C ASP B 106 -2.56 23.65 13.53
N ILE B 107 -2.98 24.69 14.26
CA ILE B 107 -2.11 25.38 15.22
C ILE B 107 -2.70 25.26 16.63
N TRP B 108 -1.90 24.75 17.57
CA TRP B 108 -2.36 24.51 18.92
C TRP B 108 -1.90 25.45 20.00
N PHE B 109 -2.85 25.81 20.88
CA PHE B 109 -2.62 26.70 22.01
C PHE B 109 -3.23 26.11 23.28
N SER B 110 -2.67 26.45 24.43
CA SER B 110 -3.23 26.03 25.72
C SER B 110 -2.71 26.93 26.83
N PRO B 111 -3.40 26.93 28.00
CA PRO B 111 -2.99 27.77 29.12
C PRO B 111 -1.68 27.37 29.78
N VAL B 112 -1.25 26.12 29.58
CA VAL B 112 -0.03 25.64 30.20
C VAL B 112 1.03 25.14 29.22
N THR B 113 2.26 25.01 29.70
CA THR B 113 3.39 24.59 28.88
C THR B 113 3.45 23.09 28.58
N ASN B 114 2.80 22.28 29.40
CA ASN B 114 2.76 20.83 29.23
C ASN B 114 1.63 20.44 28.27
N SER B 115 1.94 19.75 27.18
CA SER B 115 0.93 19.33 26.23
C SER B 115 0.89 17.81 26.11
N GLY B 116 1.47 17.13 27.09
CA GLY B 116 1.49 15.68 27.07
C GLY B 116 0.12 15.04 26.93
N ASN B 117 -0.89 15.71 27.46
CA ASN B 117 -2.26 15.22 27.43
C ASN B 117 -3.19 16.13 26.62
N GLY B 118 -2.66 16.75 25.57
CA GLY B 118 -3.50 17.59 24.74
C GLY B 118 -3.56 19.06 25.13
N TYR B 119 -4.58 19.72 24.61
CA TYR B 119 -4.76 21.15 24.84
C TYR B 119 -6.14 21.53 25.35
N SER B 120 -6.63 20.78 26.34
N SER B 120 -6.64 20.78 26.34
CA SER B 120 -7.93 21.08 26.92
CA SER B 120 -7.94 21.09 26.90
C SER B 120 -7.87 22.49 27.50
C SER B 120 -7.88 22.48 27.50
N GLY B 121 -8.92 23.29 27.27
CA GLY B 121 -8.95 24.64 27.80
C GLY B 121 -8.21 25.66 26.96
N GLY B 122 -7.69 25.22 25.83
CA GLY B 122 -6.96 26.09 24.93
C GLY B 122 -7.71 26.36 23.64
N ALA B 123 -7.00 26.25 22.53
CA ALA B 123 -7.60 26.51 21.23
C ALA B 123 -6.87 25.79 20.11
N GLU B 124 -7.61 25.58 19.02
CA GLU B 124 -7.09 24.95 17.83
C GLU B 124 -7.44 25.92 16.71
N LEU B 125 -6.44 26.48 16.04
CA LEU B 125 -6.67 27.42 14.94
C LEU B 125 -6.25 26.76 13.64
N MET B 126 -7.22 26.55 12.74
CA MET B 126 -6.92 25.93 11.46
C MET B 126 -7.01 26.94 10.33
N ILE B 127 -6.23 26.69 9.26
CA ILE B 127 -6.25 27.54 8.08
C ILE B 127 -6.37 26.57 6.90
N TRP B 128 -7.57 26.56 6.32
CA TRP B 128 -7.87 25.67 5.19
C TRP B 128 -7.52 26.33 3.87
N LEU B 129 -6.62 25.69 3.13
CA LEU B 129 -6.14 26.18 1.86
C LEU B 129 -6.72 25.47 0.64
N ASN B 130 -7.02 24.19 0.78
CA ASN B 130 -7.59 23.40 -0.33
C ASN B 130 -8.38 22.23 0.25
N TRP B 131 -9.19 21.59 -0.60
CA TRP B 131 -10.03 20.51 -0.11
C TRP B 131 -10.76 19.88 -1.29
N ASN B 132 -11.51 18.82 -1.00
CA ASN B 132 -12.29 18.12 -2.03
C ASN B 132 -13.31 17.19 -1.37
N GLY B 133 -14.40 16.91 -2.09
CA GLY B 133 -15.41 16.03 -1.57
C GLY B 133 -16.55 16.67 -0.77
N GLY B 134 -16.58 17.99 -0.71
CA GLY B 134 -17.63 18.68 0.02
C GLY B 134 -17.45 18.77 1.53
N VAL B 135 -16.23 18.55 2.02
CA VAL B 135 -16.00 18.62 3.46
C VAL B 135 -16.14 20.06 3.94
N MET B 136 -16.47 20.23 5.22
CA MET B 136 -16.67 21.55 5.81
C MET B 136 -16.03 21.68 7.17
N PRO B 137 -15.73 22.92 7.59
CA PRO B 137 -15.12 23.14 8.91
C PRO B 137 -16.13 22.79 10.00
N GLY B 138 -15.63 22.61 11.21
CA GLY B 138 -16.50 22.33 12.35
C GLY B 138 -17.18 23.62 12.76
N GLY B 139 -18.20 23.48 13.63
CA GLY B 139 -18.93 24.63 14.12
C GLY B 139 -19.75 25.33 13.05
N SER B 140 -19.81 26.65 13.11
N SER B 140 -19.80 26.66 13.12
CA SER B 140 -20.55 27.43 12.12
CA SER B 140 -20.55 27.46 12.17
C SER B 140 -19.78 28.67 11.72
C SER B 140 -19.76 28.69 11.73
N ARG B 141 -20.08 29.19 10.54
CA ARG B 141 -19.42 30.37 10.00
C ARG B 141 -19.94 31.62 10.69
N VAL B 142 -19.08 32.24 11.49
CA VAL B 142 -19.45 33.43 12.23
C VAL B 142 -19.02 34.74 11.60
N ALA B 143 -18.19 34.67 10.56
CA ALA B 143 -17.72 35.89 9.93
C ALA B 143 -16.87 35.62 8.71
N THR B 144 -16.52 36.70 8.04
CA THR B 144 -15.65 36.68 6.87
C THR B 144 -14.64 37.78 7.17
N VAL B 145 -13.35 37.50 6.92
CA VAL B 145 -12.32 38.49 7.21
C VAL B 145 -11.17 38.46 6.23
N GLU B 146 -10.55 39.61 5.99
N GLU B 146 -10.55 39.62 6.01
CA GLU B 146 -9.40 39.69 5.10
CA GLU B 146 -9.39 39.73 5.14
C GLU B 146 -8.17 39.69 6.01
C GLU B 146 -8.17 39.66 6.05
N LEU B 147 -7.27 38.75 5.75
CA LEU B 147 -6.06 38.59 6.55
C LEU B 147 -4.94 38.06 5.70
N ALA B 148 -3.74 38.56 5.97
CA ALA B 148 -2.55 38.05 5.30
C ALA B 148 -2.56 37.97 3.78
N GLY B 149 -3.33 38.84 3.13
CA GLY B 149 -3.34 38.84 1.68
C GLY B 149 -4.46 38.09 0.98
N ALA B 150 -5.46 37.65 1.74
CA ALA B 150 -6.57 36.92 1.15
C ALA B 150 -7.81 37.06 2.04
N THR B 151 -8.91 36.47 1.59
CA THR B 151 -10.16 36.52 2.34
C THR B 151 -10.53 35.15 2.90
N TRP B 152 -11.00 35.16 4.14
CA TRP B 152 -11.31 33.93 4.85
C TRP B 152 -12.66 33.88 5.54
N GLU B 153 -13.29 32.71 5.45
CA GLU B 153 -14.54 32.46 6.15
C GLU B 153 -14.07 32.06 7.54
N VAL B 154 -14.70 32.61 8.58
CA VAL B 154 -14.29 32.27 9.94
C VAL B 154 -15.30 31.34 10.56
N TRP B 155 -14.82 30.15 10.94
CA TRP B 155 -15.68 29.16 11.57
C TRP B 155 -15.25 29.00 13.01
N TYR B 156 -16.24 28.88 13.89
CA TYR B 156 -15.98 28.73 15.31
C TYR B 156 -16.85 27.67 15.96
N ALA B 157 -16.24 26.91 16.85
CA ALA B 157 -16.92 25.87 17.60
C ALA B 157 -16.37 25.87 19.03
N ASP B 158 -17.25 25.89 20.01
CA ASP B 158 -16.81 25.89 21.39
C ASP B 158 -16.84 24.46 21.94
N TRP B 159 -15.74 23.74 21.76
CA TRP B 159 -15.60 22.36 22.25
C TRP B 159 -14.80 22.38 23.55
N ASP B 160 -14.19 21.25 23.91
N ASP B 160 -14.17 21.24 23.86
CA ASP B 160 -13.40 21.21 25.13
CA ASP B 160 -13.35 21.11 25.05
C ASP B 160 -12.33 22.29 25.00
C ASP B 160 -12.22 22.14 24.97
N TRP B 161 -12.02 22.66 23.76
CA TRP B 161 -11.05 23.71 23.47
C TRP B 161 -11.73 24.49 22.37
N ASN B 162 -11.35 25.75 22.19
CA ASN B 162 -11.93 26.60 21.16
C ASN B 162 -11.42 26.22 19.77
N TYR B 163 -12.33 25.93 18.84
CA TYR B 163 -11.93 25.59 17.49
C TYR B 163 -12.19 26.78 16.57
N ILE B 164 -11.14 27.28 15.90
CA ILE B 164 -11.29 28.39 14.98
C ILE B 164 -10.70 27.95 13.65
N ALA B 165 -11.50 28.00 12.58
CA ALA B 165 -10.99 27.62 11.27
C ALA B 165 -11.22 28.73 10.26
N TYR B 166 -10.13 29.12 9.60
CA TYR B 166 -10.19 30.14 8.57
C TYR B 166 -10.13 29.40 7.26
N ARG B 167 -11.24 29.43 6.53
CA ARG B 167 -11.32 28.74 5.25
C ARG B 167 -11.22 29.75 4.11
N ARG B 168 -10.17 29.64 3.31
CA ARG B 168 -9.96 30.55 2.21
C ARG B 168 -11.22 30.58 1.34
N THR B 169 -11.63 31.76 0.89
CA THR B 169 -12.83 31.84 0.05
C THR B 169 -12.65 31.17 -1.32
N THR B 170 -11.40 30.97 -1.73
CA THR B 170 -11.10 30.30 -2.98
C THR B 170 -9.87 29.45 -2.68
N PRO B 171 -9.79 28.25 -3.28
CA PRO B 171 -8.67 27.30 -3.09
C PRO B 171 -7.34 27.84 -3.57
N THR B 172 -6.25 27.35 -2.98
CA THR B 172 -4.90 27.75 -3.38
C THR B 172 -4.00 26.55 -3.20
N THR B 173 -2.82 26.57 -3.81
CA THR B 173 -1.94 25.44 -3.65
C THR B 173 -0.63 25.79 -2.96
N SER B 174 -0.44 27.07 -2.61
CA SER B 174 0.78 27.42 -1.88
C SER B 174 0.70 28.76 -1.19
N VAL B 175 1.50 28.90 -0.13
CA VAL B 175 1.62 30.17 0.58
C VAL B 175 3.13 30.39 0.77
N SER B 176 3.56 31.64 0.68
CA SER B 176 4.97 31.98 0.87
C SER B 176 5.02 33.08 1.91
N GLU B 177 5.65 32.78 3.04
CA GLU B 177 5.78 33.71 4.16
C GLU B 177 4.42 34.24 4.60
N LEU B 178 3.47 33.32 4.78
CA LEU B 178 2.13 33.67 5.24
C LEU B 178 2.25 34.21 6.68
N ASP B 179 1.59 35.32 6.96
CA ASP B 179 1.65 35.92 8.29
C ASP B 179 0.65 35.21 9.22
N LEU B 180 1.12 34.18 9.91
CA LEU B 180 0.28 33.45 10.83
C LEU B 180 -0.16 34.32 12.02
N LYS B 181 0.68 35.28 12.38
CA LYS B 181 0.38 36.13 13.52
C LYS B 181 -0.90 36.93 13.25
N ALA B 182 -1.16 37.26 11.99
CA ALA B 182 -2.38 37.99 11.65
C ALA B 182 -3.60 37.19 12.04
N PHE B 183 -3.54 35.87 11.82
CA PHE B 183 -4.64 34.99 12.16
C PHE B 183 -4.79 34.86 13.67
N ILE B 184 -3.66 34.69 14.33
CA ILE B 184 -3.66 34.55 15.79
C ILE B 184 -4.27 35.81 16.41
N ASP B 185 -3.83 36.98 15.92
CA ASP B 185 -4.34 38.25 16.46
C ASP B 185 -5.84 38.38 16.21
N ASP B 186 -6.30 37.99 15.03
CA ASP B 186 -7.73 38.06 14.73
C ASP B 186 -8.49 37.18 15.73
N ALA B 187 -8.00 35.97 15.97
CA ALA B 187 -8.63 35.03 16.90
C ALA B 187 -8.62 35.56 18.34
N VAL B 188 -7.55 36.26 18.70
CA VAL B 188 -7.45 36.83 20.03
C VAL B 188 -8.50 37.95 20.16
N ALA B 189 -8.59 38.80 19.13
CA ALA B 189 -9.54 39.90 19.13
C ALA B 189 -10.98 39.41 19.23
N ARG B 190 -11.25 38.23 18.70
CA ARG B 190 -12.61 37.65 18.76
C ARG B 190 -12.87 37.00 20.11
N GLY B 191 -11.84 36.88 20.94
CA GLY B 191 -11.99 36.26 22.24
C GLY B 191 -11.85 34.75 22.21
N TYR B 192 -11.37 34.21 21.08
CA TYR B 192 -11.23 32.75 20.96
C TYR B 192 -9.92 32.20 21.53
N ILE B 193 -8.93 33.09 21.63
CA ILE B 193 -7.63 32.74 22.17
C ILE B 193 -7.23 33.85 23.12
N ARG B 194 -6.81 33.48 24.33
N ARG B 194 -6.81 33.48 24.32
CA ARG B 194 -6.37 34.45 25.33
CA ARG B 194 -6.36 34.44 25.32
C ARG B 194 -4.88 34.73 25.11
C ARG B 194 -4.88 34.73 25.09
N PRO B 195 -4.48 36.01 25.12
CA PRO B 195 -3.08 36.39 24.92
C PRO B 195 -2.02 35.76 25.79
N GLU B 196 -2.40 35.34 27.00
CA GLU B 196 -1.46 34.71 27.91
C GLU B 196 -1.32 33.22 27.61
N TRP B 197 -2.18 32.67 26.75
CA TRP B 197 -2.02 31.25 26.45
C TRP B 197 -0.78 31.03 25.61
N TYR B 198 -0.29 29.80 25.67
CA TYR B 198 0.91 29.42 24.92
C TYR B 198 0.64 28.90 23.53
N LEU B 199 1.45 29.32 22.59
CA LEU B 199 1.39 28.75 21.23
C LEU B 199 2.28 27.50 21.39
N HIS B 200 1.79 26.31 21.07
CA HIS B 200 2.61 25.09 21.23
C HIS B 200 3.18 24.52 19.96
N ALA B 201 2.36 24.55 18.89
CA ALA B 201 2.77 23.96 17.62
C ALA B 201 2.09 24.55 16.41
N VAL B 202 2.84 24.61 15.31
CA VAL B 202 2.30 25.06 14.04
C VAL B 202 2.45 23.83 13.15
N GLU B 203 1.31 23.30 12.69
CA GLU B 203 1.37 22.09 11.85
C GLU B 203 0.60 22.32 10.57
N THR B 204 0.91 21.53 9.55
CA THR B 204 0.10 21.56 8.34
C THR B 204 0.08 20.17 7.75
N GLY B 205 -0.99 19.87 7.05
CA GLY B 205 -1.09 18.54 6.48
C GLY B 205 -2.45 18.38 5.87
N PHE B 206 -2.95 17.14 5.91
CA PHE B 206 -4.22 16.86 5.28
C PHE B 206 -5.14 16.07 6.18
N GLU B 207 -6.31 16.63 6.48
CA GLU B 207 -7.31 15.89 7.27
C GLU B 207 -7.97 14.99 6.22
N LEU B 208 -8.03 13.70 6.51
CA LEU B 208 -8.60 12.74 5.57
C LEU B 208 -9.86 12.06 6.07
N TRP B 209 -10.90 12.12 5.25
CA TRP B 209 -12.19 11.50 5.55
C TRP B 209 -12.30 10.27 4.65
N GLU B 210 -12.04 10.48 3.37
CA GLU B 210 -12.09 9.40 2.38
C GLU B 210 -10.93 9.50 1.39
N GLY B 211 -10.15 8.42 1.31
CA GLY B 211 -9.03 8.37 0.37
C GLY B 211 -7.89 9.32 0.70
N GLY B 212 -7.40 10.03 -0.31
CA GLY B 212 -6.31 10.97 -0.10
C GLY B 212 -4.99 10.60 -0.74
N ALA B 213 -4.92 9.43 -1.37
CA ALA B 213 -3.68 8.99 -2.03
C ALA B 213 -3.31 9.95 -3.15
N GLY B 214 -2.05 10.40 -3.16
CA GLY B 214 -1.61 11.33 -4.19
C GLY B 214 -1.29 12.71 -3.64
N LEU B 215 -1.97 13.11 -2.59
CA LEU B 215 -1.74 14.42 -1.95
C LEU B 215 -0.28 14.53 -1.52
N ARG B 216 0.34 15.70 -1.73
CA ARG B 216 1.73 15.87 -1.33
C ARG B 216 1.92 17.21 -0.58
N SER B 217 2.77 17.15 0.43
CA SER B 217 3.12 18.30 1.28
C SER B 217 4.59 18.61 0.95
N ALA B 218 4.91 19.87 0.64
CA ALA B 218 6.32 20.18 0.37
C ALA B 218 6.66 21.62 0.78
N ASP B 219 7.96 21.91 0.79
CA ASP B 219 8.47 23.27 1.04
C ASP B 219 8.04 23.89 2.38
N PHE B 220 7.86 23.06 3.40
CA PHE B 220 7.42 23.58 4.69
C PHE B 220 8.47 24.40 5.41
N SER B 221 8.05 25.52 5.96
CA SER B 221 8.95 26.33 6.80
C SER B 221 8.08 27.04 7.83
N VAL B 222 8.58 27.20 9.05
CA VAL B 222 7.86 28.00 10.06
C VAL B 222 8.95 28.78 10.81
N THR B 223 8.74 30.06 11.08
CA THR B 223 9.68 30.77 11.90
C THR B 223 8.84 31.54 12.92
N VAL B 224 9.42 31.75 14.09
CA VAL B 224 8.76 32.49 15.15
C VAL B 224 9.79 33.52 15.65
N GLN B 225 9.33 34.74 15.91
N GLN B 225 9.33 34.73 15.90
CA GLN B 225 10.21 35.78 16.43
CA GLN B 225 10.19 35.79 16.43
C GLN B 225 9.56 36.25 17.73
C GLN B 225 9.55 36.22 17.74
N LYS B 226 10.32 36.25 18.82
CA LYS B 226 9.77 36.67 20.11
C LYS B 226 9.85 38.20 20.23
N LEU B 227 8.98 38.77 21.05
CA LEU B 227 9.00 40.22 21.23
C LEU B 227 10.23 40.59 22.05
#